data_4A9F
#
_entry.id   4A9F
#
_cell.length_a   114.232
_cell.length_b   55.531
_cell.length_c   67.975
_cell.angle_alpha   90.00
_cell.angle_beta   94.85
_cell.angle_gamma   90.00
#
_symmetry.space_group_name_H-M   'C 1 2 1'
#
loop_
_entity.id
_entity.type
_entity.pdbx_description
1 polymer 'BROMODOMAIN-CONTAINING PROTEIN 2'
2 non-polymer 1-methylpyrrolidin-2-one
3 non-polymer 'SULFATE ION'
4 non-polymer 1,2-ETHANEDIOL
5 water water
#
_entity_poly.entity_id   1
_entity_poly.type   'polypeptide(L)'
_entity_poly.pdbx_seq_one_letter_code
;GSSHHHHHHSSGLVPRGSHMSNPKKPGRVTNQLQYLHKVVMKALWKHQFAWPFRQPVDAVKLGLPDYHKIIKQPMDMGTI
KRRLENNYYWAASECMQDFNTMFTNCYIYNKPTDDIVLMAQTLEKIFLQKVASMPQEEQELVVTIPKNSHKKGA
;
_entity_poly.pdbx_strand_id   A,B,C
#
# COMPACT_ATOMS: atom_id res chain seq x y z
N VAL A 29 17.26 -4.13 2.36
CA VAL A 29 16.49 -4.21 1.08
C VAL A 29 15.50 -5.39 1.16
N THR A 30 14.60 -5.32 2.13
CA THR A 30 13.64 -6.40 2.36
C THR A 30 12.54 -6.41 1.31
N ASN A 31 11.83 -7.54 1.21
CA ASN A 31 10.69 -7.65 0.28
C ASN A 31 9.61 -6.60 0.54
N GLN A 32 9.38 -6.29 1.81
CA GLN A 32 8.40 -5.28 2.21
C GLN A 32 8.82 -3.88 1.78
N LEU A 33 10.08 -3.54 2.02
CA LEU A 33 10.60 -2.22 1.65
C LEU A 33 10.62 -2.00 0.14
N GLN A 34 10.92 -3.06 -0.61
CA GLN A 34 10.86 -3.01 -2.07
C GLN A 34 9.44 -2.78 -2.55
N TYR A 35 8.49 -3.46 -1.90
CA TYR A 35 7.08 -3.24 -2.20
C TYR A 35 6.71 -1.79 -1.95
N LEU A 36 7.06 -1.28 -0.77
CA LEU A 36 6.76 0.10 -0.40
C LEU A 36 7.37 1.12 -1.38
N HIS A 37 8.55 0.81 -1.90
CA HIS A 37 9.20 1.67 -2.90
C HIS A 37 8.53 1.52 -4.27
N LYS A 38 8.54 0.29 -4.80
CA LYS A 38 8.12 0.04 -6.18
C LYS A 38 6.61 0.10 -6.43
N VAL A 39 5.80 -0.16 -5.41
CA VAL A 39 4.35 -0.19 -5.56
C VAL A 39 3.70 1.01 -4.88
N VAL A 40 3.93 1.19 -3.59
CA VAL A 40 3.29 2.25 -2.82
C VAL A 40 3.82 3.62 -3.20
N MET A 41 5.11 3.86 -3.08
CA MET A 41 5.66 5.17 -3.40
C MET A 41 5.51 5.50 -4.88
N LYS A 42 5.76 4.50 -5.74
CA LYS A 42 5.56 4.68 -7.19
C LYS A 42 4.18 5.27 -7.48
N ALA A 43 3.14 4.66 -6.91
CA ALA A 43 1.77 5.09 -7.11
C ALA A 43 1.53 6.49 -6.52
N LEU A 44 1.97 6.71 -5.28
CA LEU A 44 1.70 7.96 -4.57
C LEU A 44 2.47 9.15 -5.15
N TRP A 45 3.73 8.92 -5.54
CA TRP A 45 4.59 10.00 -6.02
C TRP A 45 4.00 10.70 -7.24
N LYS A 46 3.50 9.91 -8.18
CA LYS A 46 3.01 10.40 -9.46
C LYS A 46 1.55 10.83 -9.44
N HIS A 47 0.86 10.64 -8.32
CA HIS A 47 -0.56 10.94 -8.20
C HIS A 47 -0.81 12.44 -8.36
N GLN A 48 -1.93 12.79 -8.97
CA GLN A 48 -2.24 14.20 -9.24
C GLN A 48 -2.50 15.06 -7.99
N PHE A 49 -2.71 14.43 -6.83
CA PHE A 49 -2.86 15.15 -5.58
C PHE A 49 -1.57 15.14 -4.76
N ALA A 50 -0.51 14.54 -5.31
CA ALA A 50 0.72 14.38 -4.54
C ALA A 50 1.53 15.66 -4.36
N TRP A 51 1.31 16.66 -5.23
CA TRP A 51 2.26 17.78 -5.31
C TRP A 51 2.51 18.53 -3.99
N PRO A 52 1.46 18.76 -3.16
CA PRO A 52 1.74 19.46 -1.90
C PRO A 52 2.57 18.65 -0.90
N PHE A 53 2.67 17.35 -1.13
CA PHE A 53 3.34 16.41 -0.23
C PHE A 53 4.72 15.94 -0.71
N ARG A 54 5.19 16.43 -1.85
CA ARG A 54 6.45 15.94 -2.44
C ARG A 54 7.71 16.53 -1.81
N GLN A 55 7.54 17.55 -0.97
CA GLN A 55 8.64 18.22 -0.31
C GLN A 55 8.18 18.65 1.08
N PRO A 56 9.13 18.90 2.01
CA PRO A 56 8.71 19.35 3.33
C PRO A 56 7.84 20.59 3.25
N VAL A 57 6.84 20.68 4.12
CA VAL A 57 6.06 21.90 4.26
C VAL A 57 6.99 23.07 4.49
N ASP A 58 6.85 24.11 3.67
CA ASP A 58 7.63 25.33 3.77
C ASP A 58 6.69 26.39 4.35
N ALA A 59 6.79 26.59 5.67
CA ALA A 59 5.89 27.47 6.41
C ALA A 59 6.03 28.93 6.01
N VAL A 60 7.22 29.33 5.58
CA VAL A 60 7.44 30.69 5.07
C VAL A 60 6.74 30.87 3.73
N LYS A 61 7.04 29.99 2.78
CA LYS A 61 6.43 30.02 1.44
C LYS A 61 4.91 29.95 1.49
N LEU A 62 4.37 29.07 2.33
CA LEU A 62 2.93 28.85 2.41
C LEU A 62 2.21 29.80 3.38
N GLY A 63 2.97 30.59 4.13
CA GLY A 63 2.40 31.58 5.04
C GLY A 63 1.70 30.94 6.23
N LEU A 64 2.40 29.99 6.86
CA LEU A 64 1.85 29.20 7.95
C LEU A 64 2.76 29.35 9.19
N PRO A 65 2.78 30.54 9.81
CA PRO A 65 3.76 30.79 10.89
C PRO A 65 3.57 29.93 12.15
N ASP A 66 2.40 29.32 12.30
CA ASP A 66 2.14 28.42 13.43
C ASP A 66 2.41 26.95 13.09
N TYR A 67 2.77 26.66 11.84
CA TYR A 67 2.87 25.25 11.41
C TYR A 67 3.77 24.40 12.32
N HIS A 68 4.98 24.88 12.57
CA HIS A 68 5.95 24.11 13.35
C HIS A 68 5.72 24.17 14.85
N LYS A 69 4.84 25.06 15.29
CA LYS A 69 4.39 25.07 16.66
C LYS A 69 3.38 23.95 16.92
N ILE A 70 2.59 23.62 15.90
CA ILE A 70 1.55 22.58 16.00
C ILE A 70 2.08 21.20 15.57
N ILE A 71 2.86 21.17 14.50
CA ILE A 71 3.38 19.92 13.94
C ILE A 71 4.85 19.73 14.31
N LYS A 72 5.11 18.78 15.20
CA LYS A 72 6.44 18.60 15.78
C LYS A 72 7.34 17.61 15.05
N GLN A 73 6.75 16.74 14.23
N GLN A 73 6.74 16.70 14.26
CA GLN A 73 7.49 15.80 13.41
CA GLN A 73 7.50 15.81 13.40
C GLN A 73 7.03 15.92 11.96
C GLN A 73 7.01 15.95 11.97
N PRO A 74 7.59 16.90 11.22
CA PRO A 74 7.24 17.05 9.81
C PRO A 74 7.64 15.83 9.00
N MET A 75 6.82 15.51 8.00
CA MET A 75 7.14 14.41 7.12
C MET A 75 6.52 14.66 5.75
N ASP A 76 7.18 14.13 4.73
CA ASP A 76 6.75 14.35 3.36
C ASP A 76 7.26 13.25 2.46
N MET A 77 6.70 13.13 1.27
CA MET A 77 7.03 12.02 0.39
C MET A 77 8.44 12.08 -0.16
N GLY A 78 8.98 13.29 -0.33
CA GLY A 78 10.35 13.45 -0.83
C GLY A 78 11.34 12.83 0.13
N THR A 79 11.16 13.14 1.42
CA THR A 79 11.94 12.56 2.50
C THR A 79 11.79 11.03 2.54
N ILE A 80 10.56 10.54 2.41
CA ILE A 80 10.32 9.09 2.42
C ILE A 80 10.95 8.39 1.21
N LYS A 81 10.78 8.98 0.02
CA LYS A 81 11.35 8.44 -1.23
C LYS A 81 12.87 8.38 -1.15
N ARG A 82 13.48 9.43 -0.64
CA ARG A 82 14.93 9.48 -0.48
C ARG A 82 15.40 8.41 0.49
N ARG A 83 14.67 8.26 1.60
CA ARG A 83 14.96 7.22 2.59
C ARG A 83 14.84 5.81 2.01
N LEU A 84 13.84 5.57 1.17
CA LEU A 84 13.71 4.29 0.48
C LEU A 84 14.86 4.07 -0.50
N GLU A 85 15.20 5.12 -1.25
CA GLU A 85 16.32 5.07 -2.20
C GLU A 85 17.68 4.82 -1.53
N ASN A 86 17.87 5.38 -0.33
CA ASN A 86 19.16 5.32 0.37
C ASN A 86 19.23 4.23 1.44
N ASN A 87 18.31 3.27 1.41
CA ASN A 87 18.26 2.17 2.39
C ASN A 87 18.37 2.66 3.84
N TYR A 88 17.55 3.65 4.17
CA TYR A 88 17.50 4.25 5.51
C TYR A 88 16.74 3.37 6.48
N TYR A 89 15.66 2.74 6.00
CA TYR A 89 14.76 2.00 6.86
C TYR A 89 15.28 0.61 7.21
N TRP A 90 15.13 0.23 8.47
CA TRP A 90 15.49 -1.10 8.95
C TRP A 90 14.29 -2.07 8.90
N ALA A 91 13.07 -1.52 8.91
CA ALA A 91 11.85 -2.34 8.84
C ALA A 91 10.77 -1.61 8.05
N ALA A 92 9.81 -2.37 7.53
CA ALA A 92 8.71 -1.83 6.73
C ALA A 92 7.84 -0.90 7.57
N SER A 93 7.54 -1.33 8.79
CA SER A 93 6.75 -0.54 9.73
C SER A 93 7.27 0.89 9.91
N GLU A 94 8.59 1.07 9.88
N GLU A 94 8.58 1.05 9.87
CA GLU A 94 9.20 2.38 10.02
CA GLU A 94 9.23 2.35 9.99
C GLU A 94 8.83 3.32 8.86
C GLU A 94 8.83 3.31 8.87
N CYS A 95 8.84 2.79 7.64
CA CYS A 95 8.41 3.55 6.46
C CYS A 95 6.92 3.84 6.52
N MET A 96 6.15 2.83 6.89
CA MET A 96 4.70 2.98 7.06
C MET A 96 4.36 4.07 8.08
N GLN A 97 5.09 4.13 9.19
CA GLN A 97 4.90 5.19 10.17
C GLN A 97 5.21 6.57 9.60
N ASP A 98 6.21 6.69 8.72
CA ASP A 98 6.51 7.98 8.09
C ASP A 98 5.37 8.44 7.18
N PHE A 99 4.83 7.53 6.37
CA PHE A 99 3.62 7.84 5.58
C PHE A 99 2.50 8.28 6.49
N ASN A 100 2.28 7.50 7.54
CA ASN A 100 1.22 7.82 8.50
C ASN A 100 1.41 9.20 9.11
N THR A 101 2.61 9.50 9.59
CA THR A 101 2.90 10.82 10.16
C THR A 101 2.59 11.97 9.18
N MET A 102 3.00 11.80 7.93
CA MET A 102 2.73 12.80 6.89
C MET A 102 1.23 13.08 6.77
N PHE A 103 0.43 12.03 6.64
CA PHE A 103 -1.01 12.20 6.52
C PHE A 103 -1.61 12.77 7.82
N THR A 104 -1.22 12.21 8.95
CA THR A 104 -1.73 12.67 10.24
C THR A 104 -1.41 14.14 10.50
N ASN A 105 -0.19 14.59 10.18
CA ASN A 105 0.16 16.01 10.33
C ASN A 105 -0.82 16.89 9.57
N CYS A 106 -1.14 16.46 8.35
CA CYS A 106 -2.06 17.19 7.50
C CYS A 106 -3.46 17.32 8.11
N TYR A 107 -3.99 16.23 8.64
CA TYR A 107 -5.31 16.26 9.28
C TYR A 107 -5.35 17.10 10.55
N ILE A 108 -4.26 17.03 11.31
CA ILE A 108 -4.17 17.74 12.58
C ILE A 108 -4.05 19.24 12.37
N TYR A 109 -3.20 19.64 11.42
CA TYR A 109 -2.90 21.05 11.23
C TYR A 109 -4.02 21.82 10.52
N ASN A 110 -4.52 21.27 9.43
CA ASN A 110 -5.44 21.99 8.54
C ASN A 110 -6.88 21.99 9.02
N LYS A 111 -7.67 22.89 8.46
CA LYS A 111 -9.11 22.97 8.76
C LYS A 111 -9.77 21.76 8.10
N PRO A 112 -10.79 21.19 8.74
CA PRO A 112 -11.46 20.00 8.21
C PRO A 112 -11.90 20.14 6.74
N THR A 113 -12.30 21.35 6.37
CA THR A 113 -12.87 21.62 5.04
C THR A 113 -11.83 22.04 3.97
N ASP A 114 -10.58 22.17 4.36
CA ASP A 114 -9.53 22.49 3.38
C ASP A 114 -9.39 21.39 2.35
N ASP A 115 -9.16 21.76 1.10
CA ASP A 115 -8.92 20.80 0.03
C ASP A 115 -7.77 19.85 0.34
N ILE A 116 -6.72 20.35 0.99
CA ILE A 116 -5.54 19.52 1.26
C ILE A 116 -5.90 18.27 2.05
N VAL A 117 -6.89 18.39 2.93
CA VAL A 117 -7.37 17.26 3.71
C VAL A 117 -7.97 16.16 2.82
N LEU A 118 -8.79 16.57 1.86
N LEU A 118 -8.79 16.57 1.87
CA LEU A 118 -9.35 15.64 0.87
CA LEU A 118 -9.36 15.65 0.88
C LEU A 118 -8.24 14.98 0.08
C LEU A 118 -8.25 14.99 0.06
N MET A 119 -7.25 15.77 -0.32
CA MET A 119 -6.11 15.26 -1.07
C MET A 119 -5.32 14.19 -0.30
N ALA A 120 -5.00 14.48 0.96
CA ALA A 120 -4.38 13.51 1.85
C ALA A 120 -5.21 12.25 2.02
N GLN A 121 -6.51 12.43 2.29
CA GLN A 121 -7.44 11.30 2.46
C GLN A 121 -7.40 10.37 1.24
N THR A 122 -7.43 10.98 0.05
CA THR A 122 -7.35 10.23 -1.20
C THR A 122 -6.03 9.46 -1.32
N LEU A 123 -4.92 10.11 -1.00
CA LEU A 123 -3.60 9.46 -1.07
C LEU A 123 -3.48 8.38 -0.01
N GLU A 124 -4.03 8.64 1.17
CA GLU A 124 -3.96 7.69 2.27
C GLU A 124 -4.72 6.41 1.94
N LYS A 125 -5.85 6.55 1.27
CA LYS A 125 -6.65 5.40 0.89
C LYS A 125 -5.90 4.50 -0.10
N ILE A 126 -5.12 5.12 -0.99
CA ILE A 126 -4.26 4.37 -1.90
C ILE A 126 -3.16 3.66 -1.11
N PHE A 127 -2.54 4.39 -0.21
CA PHE A 127 -1.53 3.82 0.69
C PHE A 127 -2.05 2.54 1.35
N LEU A 128 -3.23 2.63 1.95
CA LEU A 128 -3.80 1.49 2.67
C LEU A 128 -4.22 0.36 1.75
N GLN A 129 -4.84 0.71 0.62
CA GLN A 129 -5.23 -0.30 -0.36
C GLN A 129 -4.00 -1.08 -0.79
N LYS A 130 -2.90 -0.39 -1.10
CA LYS A 130 -1.65 -1.06 -1.51
C LYS A 130 -1.03 -1.85 -0.37
N VAL A 131 -1.02 -1.28 0.83
CA VAL A 131 -0.40 -1.95 1.99
C VAL A 131 -1.14 -3.25 2.36
N ALA A 132 -2.42 -3.35 2.02
CA ALA A 132 -3.20 -4.58 2.23
C ALA A 132 -2.67 -5.79 1.44
N SER A 133 -1.89 -5.54 0.38
CA SER A 133 -1.29 -6.59 -0.45
C SER A 133 0.25 -6.69 -0.29
N MET A 134 0.80 -6.02 0.72
CA MET A 134 2.25 -6.06 0.98
C MET A 134 2.69 -7.43 1.52
N PRO A 135 3.93 -7.86 1.19
CA PRO A 135 4.48 -9.10 1.76
C PRO A 135 4.58 -9.08 3.29
N GLN A 136 4.68 -10.27 3.89
CA GLN A 136 4.81 -10.38 5.34
C GLN A 136 6.24 -10.76 5.74
N THR B 30 -12.31 -14.44 4.86
CA THR B 30 -10.95 -14.65 4.32
C THR B 30 -9.94 -14.82 5.45
N ASN B 31 -8.75 -15.30 5.11
CA ASN B 31 -7.64 -15.41 6.06
C ASN B 31 -7.22 -14.06 6.64
N GLN B 32 -7.22 -13.03 5.80
CA GLN B 32 -6.83 -11.69 6.19
C GLN B 32 -7.88 -11.05 7.08
N LEU B 33 -9.15 -11.24 6.76
CA LEU B 33 -10.24 -10.76 7.60
C LEU B 33 -10.24 -11.45 8.97
N GLN B 34 -9.93 -12.74 9.00
CA GLN B 34 -9.72 -13.44 10.27
C GLN B 34 -8.57 -12.81 11.07
N TYR B 35 -7.47 -12.51 10.38
CA TYR B 35 -6.31 -11.89 11.02
C TYR B 35 -6.66 -10.50 11.58
N LEU B 36 -7.34 -9.69 10.77
CA LEU B 36 -7.78 -8.36 11.21
C LEU B 36 -8.68 -8.44 12.44
N HIS B 37 -9.51 -9.47 12.52
CA HIS B 37 -10.44 -9.64 13.63
C HIS B 37 -9.70 -10.17 14.87
N LYS B 38 -9.05 -11.32 14.72
CA LYS B 38 -8.51 -12.05 15.86
C LYS B 38 -7.14 -11.55 16.35
N VAL B 39 -6.38 -10.90 15.47
CA VAL B 39 -5.04 -10.41 15.83
C VAL B 39 -5.01 -8.89 15.96
N VAL B 40 -5.44 -8.18 14.91
CA VAL B 40 -5.34 -6.72 14.90
C VAL B 40 -6.35 -6.09 15.85
N MET B 41 -7.64 -6.39 15.66
CA MET B 41 -8.70 -5.77 16.44
C MET B 41 -8.61 -6.17 17.93
N LYS B 42 -8.31 -7.44 18.20
CA LYS B 42 -8.20 -7.93 19.58
C LYS B 42 -7.17 -7.13 20.37
N ALA B 43 -6.00 -6.90 19.77
CA ALA B 43 -4.90 -6.14 20.39
C ALA B 43 -5.24 -4.66 20.55
N LEU B 44 -5.87 -4.07 19.54
CA LEU B 44 -6.32 -2.69 19.65
C LEU B 44 -7.42 -2.53 20.69
N TRP B 45 -8.36 -3.48 20.73
CA TRP B 45 -9.54 -3.36 21.58
C TRP B 45 -9.21 -3.28 23.08
N LYS B 46 -8.28 -4.12 23.52
CA LYS B 46 -7.88 -4.20 24.93
C LYS B 46 -6.92 -3.11 25.37
N HIS B 47 -6.44 -2.30 24.42
CA HIS B 47 -5.45 -1.27 24.71
C HIS B 47 -6.02 -0.24 25.68
N GLN B 48 -5.16 0.28 26.57
CA GLN B 48 -5.58 1.26 27.58
C GLN B 48 -6.10 2.58 27.01
N PHE B 49 -5.76 2.88 25.75
CA PHE B 49 -6.24 4.08 25.08
C PHE B 49 -7.42 3.82 24.14
N ALA B 50 -7.90 2.58 24.09
CA ALA B 50 -8.96 2.21 23.14
C ALA B 50 -10.37 2.65 23.55
N TRP B 51 -10.61 2.96 24.83
CA TRP B 51 -11.99 3.16 25.32
C TRP B 51 -12.82 4.22 24.56
N PRO B 52 -12.19 5.30 24.06
CA PRO B 52 -13.00 6.26 23.32
C PRO B 52 -13.44 5.75 21.95
N PHE B 53 -12.83 4.67 21.48
CA PHE B 53 -13.01 4.18 20.12
C PHE B 53 -13.81 2.88 20.02
N ARG B 54 -14.30 2.35 21.14
CA ARG B 54 -14.99 1.06 21.13
C ARG B 54 -16.46 1.12 20.75
N GLN B 55 -16.99 2.33 20.59
CA GLN B 55 -18.39 2.55 20.24
C GLN B 55 -18.49 3.81 19.42
N PRO B 56 -19.60 4.00 18.70
CA PRO B 56 -19.77 5.25 17.97
C PRO B 56 -19.70 6.47 18.88
N VAL B 57 -19.09 7.55 18.38
CA VAL B 57 -19.10 8.84 19.07
C VAL B 57 -20.55 9.25 19.36
N ASP B 58 -20.86 9.41 20.65
CA ASP B 58 -22.19 9.84 21.08
C ASP B 58 -22.10 11.34 21.29
N ALA B 59 -22.54 12.10 20.29
CA ALA B 59 -22.38 13.56 20.28
C ALA B 59 -23.20 14.24 21.36
N VAL B 60 -24.34 13.65 21.71
CA VAL B 60 -25.20 14.17 22.78
C VAL B 60 -24.57 13.91 24.15
N LYS B 61 -24.22 12.65 24.41
CA LYS B 61 -23.65 12.24 25.69
C LYS B 61 -22.32 12.93 26.00
N LEU B 62 -21.48 13.08 24.97
CA LEU B 62 -20.16 13.71 25.15
C LEU B 62 -20.18 15.24 25.01
N GLY B 63 -21.34 15.80 24.67
CA GLY B 63 -21.49 17.25 24.54
C GLY B 63 -20.68 17.82 23.39
N LEU B 64 -20.85 17.23 22.20
CA LEU B 64 -20.14 17.64 21.01
C LEU B 64 -21.14 17.97 19.88
N PRO B 65 -21.85 19.12 20.00
CA PRO B 65 -22.94 19.41 19.08
C PRO B 65 -22.53 19.63 17.62
N ASP B 66 -21.25 19.95 17.38
CA ASP B 66 -20.74 20.16 16.03
C ASP B 66 -20.12 18.91 15.40
N TYR B 67 -20.12 17.79 16.12
CA TYR B 67 -19.36 16.62 15.67
C TYR B 67 -19.80 16.11 14.29
N HIS B 68 -21.10 15.91 14.13
CA HIS B 68 -21.65 15.35 12.89
C HIS B 68 -21.74 16.37 11.75
N LYS B 69 -21.58 17.64 12.07
CA LYS B 69 -21.46 18.68 11.05
C LYS B 69 -20.06 18.70 10.43
N ILE B 70 -19.08 18.18 11.18
CA ILE B 70 -17.69 18.14 10.73
C ILE B 70 -17.31 16.75 10.20
N ILE B 71 -17.66 15.71 10.93
CA ILE B 71 -17.38 14.33 10.54
C ILE B 71 -18.60 13.72 9.86
N LYS B 72 -18.48 13.43 8.57
CA LYS B 72 -19.61 12.94 7.78
C LYS B 72 -19.66 11.42 7.64
N GLN B 73 -18.57 10.74 8.00
CA GLN B 73 -18.53 9.29 8.00
C GLN B 73 -17.99 8.78 9.34
N PRO B 74 -18.84 8.77 10.38
CA PRO B 74 -18.40 8.24 11.66
C PRO B 74 -17.97 6.78 11.54
N MET B 75 -16.94 6.39 12.29
CA MET B 75 -16.52 5.01 12.33
C MET B 75 -15.86 4.75 13.67
N ASP B 76 -15.98 3.51 14.15
CA ASP B 76 -15.45 3.13 15.44
C ASP B 76 -15.15 1.64 15.44
N MET B 77 -14.42 1.16 16.44
N MET B 77 -14.40 1.17 16.45
CA MET B 77 -14.01 -0.24 16.48
CA MET B 77 -14.01 -0.24 16.55
C MET B 77 -15.18 -1.20 16.76
C MET B 77 -15.20 -1.17 16.73
N GLY B 78 -16.21 -0.73 17.46
CA GLY B 78 -17.40 -1.53 17.72
C GLY B 78 -18.12 -1.87 16.43
N THR B 79 -18.29 -0.85 15.59
CA THR B 79 -18.88 -1.03 14.27
C THR B 79 -18.04 -1.97 13.39
N ILE B 80 -16.73 -1.75 13.36
CA ILE B 80 -15.82 -2.59 12.58
C ILE B 80 -15.85 -4.04 13.07
N LYS B 81 -15.85 -4.22 14.39
CA LYS B 81 -15.86 -5.54 15.00
C LYS B 81 -17.14 -6.29 14.62
N ARG B 82 -18.28 -5.61 14.71
CA ARG B 82 -19.56 -6.20 14.32
C ARG B 82 -19.58 -6.57 12.85
N ARG B 83 -19.02 -5.70 12.00
CA ARG B 83 -18.92 -5.97 10.57
C ARG B 83 -18.07 -7.21 10.27
N LEU B 84 -16.98 -7.38 11.01
CA LEU B 84 -16.13 -8.58 10.91
C LEU B 84 -16.89 -9.84 11.33
N GLU B 85 -17.65 -9.73 12.41
CA GLU B 85 -18.40 -10.84 12.97
C GLU B 85 -19.57 -11.27 12.07
N ASN B 86 -20.14 -10.32 11.35
CA ASN B 86 -21.28 -10.57 10.45
C ASN B 86 -20.87 -10.75 8.99
N ASN B 87 -19.57 -10.91 8.73
CA ASN B 87 -19.05 -11.12 7.38
C ASN B 87 -19.53 -10.04 6.40
N TYR B 88 -19.50 -8.79 6.86
CA TYR B 88 -19.88 -7.63 6.04
C TYR B 88 -18.82 -7.37 4.98
N TYR B 89 -17.56 -7.50 5.37
CA TYR B 89 -16.44 -7.19 4.49
C TYR B 89 -16.18 -8.27 3.44
N TRP B 90 -15.90 -7.84 2.22
N TRP B 90 -15.91 -7.84 2.21
CA TRP B 90 -15.53 -8.75 1.13
CA TRP B 90 -15.52 -8.76 1.14
C TRP B 90 -14.01 -8.92 1.06
C TRP B 90 -14.01 -8.91 1.05
N ALA B 91 -13.27 -7.87 1.46
CA ALA B 91 -11.80 -7.88 1.44
C ALA B 91 -11.21 -7.18 2.66
N ALA B 92 -9.98 -7.56 3.01
CA ALA B 92 -9.26 -6.96 4.14
C ALA B 92 -9.10 -5.46 3.96
N SER B 93 -8.81 -5.05 2.72
CA SER B 93 -8.63 -3.62 2.41
C SER B 93 -9.82 -2.77 2.86
N GLU B 94 -11.03 -3.31 2.72
CA GLU B 94 -12.26 -2.58 3.10
C GLU B 94 -12.31 -2.32 4.60
N CYS B 95 -11.96 -3.35 5.37
CA CYS B 95 -11.89 -3.25 6.83
C CYS B 95 -10.83 -2.24 7.25
N MET B 96 -9.65 -2.35 6.65
CA MET B 96 -8.56 -1.42 6.90
C MET B 96 -8.96 0.03 6.62
N GLN B 97 -9.78 0.24 5.61
CA GLN B 97 -10.26 1.59 5.30
C GLN B 97 -11.13 2.12 6.42
N ASP B 98 -11.92 1.26 7.05
CA ASP B 98 -12.75 1.69 8.18
C ASP B 98 -11.88 2.06 9.39
N PHE B 99 -10.83 1.28 9.66
CA PHE B 99 -9.86 1.65 10.70
C PHE B 99 -9.29 3.03 10.38
N ASN B 100 -8.88 3.22 9.14
CA ASN B 100 -8.29 4.49 8.75
C ASN B 100 -9.24 5.67 8.94
N THR B 101 -10.48 5.50 8.50
CA THR B 101 -11.50 6.54 8.68
C THR B 101 -11.70 6.89 10.16
N MET B 102 -11.79 5.89 11.02
CA MET B 102 -11.92 6.13 12.45
C MET B 102 -10.81 7.05 12.97
N PHE B 103 -9.57 6.72 12.62
CA PHE B 103 -8.41 7.49 13.11
C PHE B 103 -8.38 8.88 12.50
N THR B 104 -8.59 8.95 11.19
CA THR B 104 -8.64 10.21 10.48
C THR B 104 -9.71 11.15 11.01
N ASN B 105 -10.90 10.62 11.30
CA ASN B 105 -11.96 11.42 11.93
C ASN B 105 -11.49 12.08 13.21
N CYS B 106 -10.80 11.31 14.02
CA CYS B 106 -10.27 11.79 15.30
C CYS B 106 -9.32 12.98 15.08
N TYR B 107 -8.41 12.85 14.11
CA TYR B 107 -7.42 13.91 13.86
C TYR B 107 -8.06 15.17 13.28
N ILE B 108 -9.07 14.98 12.44
CA ILE B 108 -9.76 16.08 11.80
C ILE B 108 -10.63 16.86 12.80
N TYR B 109 -11.39 16.15 13.63
CA TYR B 109 -12.34 16.84 14.51
C TYR B 109 -11.68 17.56 15.68
N ASN B 110 -10.74 16.88 16.34
CA ASN B 110 -10.19 17.34 17.61
C ASN B 110 -9.10 18.39 17.45
N LYS B 111 -8.84 19.12 18.52
CA LYS B 111 -7.75 20.09 18.54
C LYS B 111 -6.42 19.33 18.54
N PRO B 112 -5.39 19.89 17.89
CA PRO B 112 -4.08 19.25 17.84
C PRO B 112 -3.54 18.83 19.22
N THR B 113 -3.87 19.61 20.25
CA THR B 113 -3.32 19.42 21.59
C THR B 113 -4.16 18.48 22.46
N ASP B 114 -5.31 18.02 21.95
CA ASP B 114 -6.17 17.10 22.71
C ASP B 114 -5.51 15.76 22.91
N ASP B 115 -5.65 15.21 24.12
CA ASP B 115 -5.10 13.90 24.47
C ASP B 115 -5.58 12.79 23.55
N ILE B 116 -6.84 12.89 23.10
CA ILE B 116 -7.41 11.88 22.22
C ILE B 116 -6.59 11.71 20.92
N VAL B 117 -6.00 12.79 20.44
CA VAL B 117 -5.13 12.71 19.26
C VAL B 117 -3.92 11.79 19.50
N LEU B 118 -3.27 11.94 20.65
N LEU B 118 -3.28 11.94 20.65
CA LEU B 118 -2.16 11.06 21.01
CA LEU B 118 -2.16 11.09 21.03
C LEU B 118 -2.60 9.62 21.17
C LEU B 118 -2.58 9.63 21.22
N MET B 119 -3.79 9.43 21.75
CA MET B 119 -4.34 8.09 21.95
C MET B 119 -4.59 7.40 20.61
N ALA B 120 -5.21 8.12 19.67
CA ALA B 120 -5.42 7.61 18.32
C ALA B 120 -4.09 7.27 17.62
N GLN B 121 -3.13 8.18 17.67
CA GLN B 121 -1.79 7.96 17.09
C GLN B 121 -1.16 6.67 17.63
N THR B 122 -1.22 6.47 18.94
CA THR B 122 -0.68 5.27 19.58
C THR B 122 -1.37 4.01 19.05
N LEU B 123 -2.70 4.03 18.99
CA LEU B 123 -3.46 2.89 18.46
C LEU B 123 -3.15 2.68 16.97
N GLU B 124 -3.09 3.76 16.20
CA GLU B 124 -2.85 3.64 14.77
C GLU B 124 -1.45 3.06 14.46
N LYS B 125 -0.45 3.36 15.27
CA LYS B 125 0.87 2.77 15.11
C LYS B 125 0.82 1.24 15.30
N ILE B 126 0.05 0.78 16.27
CA ILE B 126 -0.13 -0.65 16.49
C ILE B 126 -0.85 -1.27 15.29
N PHE B 127 -1.89 -0.58 14.83
CA PHE B 127 -2.64 -1.00 13.65
C PHE B 127 -1.69 -1.22 12.45
N LEU B 128 -0.86 -0.24 12.16
CA LEU B 128 0.08 -0.35 11.03
C LEU B 128 1.11 -1.46 11.23
N GLN B 129 1.63 -1.57 12.45
CA GLN B 129 2.57 -2.63 12.81
C GLN B 129 1.98 -4.01 12.49
N LYS B 130 0.76 -4.25 12.96
CA LYS B 130 0.09 -5.52 12.78
C LYS B 130 -0.35 -5.75 11.34
N VAL B 131 -0.73 -4.68 10.65
CA VAL B 131 -1.09 -4.77 9.23
C VAL B 131 0.12 -5.21 8.40
N ALA B 132 1.32 -4.74 8.75
CA ALA B 132 2.54 -5.11 8.05
C ALA B 132 2.79 -6.63 8.08
N SER B 133 2.41 -7.26 9.20
CA SER B 133 2.59 -8.71 9.40
C SER B 133 1.41 -9.57 8.93
N MET B 134 0.41 -8.95 8.29
CA MET B 134 -0.74 -9.68 7.79
C MET B 134 -0.33 -10.58 6.61
N PRO B 135 -0.87 -11.82 6.54
CA PRO B 135 -0.63 -12.69 5.38
C PRO B 135 -0.97 -11.99 4.05
N GLN B 136 -0.06 -12.08 3.07
CA GLN B 136 -0.10 -11.18 1.90
C GLN B 136 -1.14 -11.51 0.83
N GLU B 137 -1.36 -12.81 0.59
CA GLU B 137 -2.35 -13.26 -0.40
C GLU B 137 -3.69 -13.57 0.28
N GLU B 138 -4.74 -12.86 -0.15
CA GLU B 138 -6.06 -12.98 0.47
C GLU B 138 -6.80 -14.24 0.04
N GLN B 139 -7.39 -14.94 1.00
CA GLN B 139 -8.11 -16.19 0.74
C GLN B 139 -9.56 -15.92 0.35
N THR C 30 -2.37 -11.11 -37.19
CA THR C 30 -1.68 -11.47 -35.92
C THR C 30 -2.65 -11.48 -34.74
N ASN C 31 -3.55 -12.45 -34.74
CA ASN C 31 -4.48 -12.65 -33.62
C ASN C 31 -3.75 -13.10 -32.34
N GLN C 32 -2.73 -13.93 -32.50
CA GLN C 32 -2.01 -14.49 -31.35
C GLN C 32 -1.31 -13.42 -30.53
N LEU C 33 -0.51 -12.59 -31.19
CA LEU C 33 0.25 -11.53 -30.50
C LEU C 33 -0.68 -10.46 -29.91
N GLN C 34 -1.78 -10.18 -30.60
CA GLN C 34 -2.81 -9.27 -30.07
C GLN C 34 -3.47 -9.87 -28.82
N TYR C 35 -3.70 -11.17 -28.85
CA TYR C 35 -4.22 -11.88 -27.68
C TYR C 35 -3.22 -11.86 -26.52
N LEU C 36 -1.96 -12.14 -26.82
CA LEU C 36 -0.90 -12.09 -25.79
C LEU C 36 -0.81 -10.71 -25.14
N HIS C 37 -1.04 -9.65 -25.93
CA HIS C 37 -0.99 -8.28 -25.41
C HIS C 37 -2.28 -7.93 -24.67
N LYS C 38 -3.41 -8.10 -25.33
CA LYS C 38 -4.69 -7.60 -24.81
C LYS C 38 -5.35 -8.50 -23.76
N VAL C 39 -5.03 -9.78 -23.75
CA VAL C 39 -5.60 -10.70 -22.76
C VAL C 39 -4.53 -11.15 -21.75
N VAL C 40 -3.45 -11.74 -22.24
CA VAL C 40 -2.45 -12.34 -21.36
C VAL C 40 -1.69 -11.27 -20.58
N MET C 41 -1.09 -10.30 -21.27
CA MET C 41 -0.33 -9.27 -20.58
C MET C 41 -1.22 -8.36 -19.72
N LYS C 42 -2.42 -8.04 -20.20
CA LYS C 42 -3.35 -7.21 -19.42
C LYS C 42 -3.61 -7.82 -18.05
N ALA C 43 -3.86 -9.12 -18.01
CA ALA C 43 -4.14 -9.84 -16.77
C ALA C 43 -2.89 -9.98 -15.88
N LEU C 44 -1.75 -10.31 -16.49
CA LEU C 44 -0.50 -10.51 -15.73
C LEU C 44 0.05 -9.20 -15.17
N TRP C 45 0.02 -8.14 -15.97
CA TRP C 45 0.61 -6.85 -15.58
C TRP C 45 -0.03 -6.26 -14.32
N LYS C 46 -1.35 -6.35 -14.22
CA LYS C 46 -2.08 -5.80 -13.10
C LYS C 46 -2.24 -6.79 -11.94
N HIS C 47 -1.73 -8.01 -12.09
CA HIS C 47 -1.81 -9.01 -11.02
C HIS C 47 -1.04 -8.51 -9.78
N GLN C 48 -1.49 -8.91 -8.60
CA GLN C 48 -0.87 -8.44 -7.35
C GLN C 48 0.57 -8.92 -7.16
N PHE C 49 0.95 -10.02 -7.83
CA PHE C 49 2.31 -10.55 -7.74
C PHE C 49 3.22 -10.07 -8.88
N ALA C 50 2.72 -9.19 -9.74
CA ALA C 50 3.48 -8.73 -10.91
C ALA C 50 4.63 -7.78 -10.56
N TRP C 51 4.50 -7.04 -9.46
CA TRP C 51 5.41 -5.92 -9.16
C TRP C 51 6.91 -6.22 -9.25
N PRO C 52 7.38 -7.39 -8.73
CA PRO C 52 8.81 -7.63 -8.85
C PRO C 52 9.28 -7.91 -10.28
N PHE C 53 8.34 -8.15 -11.19
CA PHE C 53 8.65 -8.48 -12.59
C PHE C 53 8.29 -7.38 -13.58
N ARG C 54 7.85 -6.22 -13.11
CA ARG C 54 7.42 -5.16 -14.04
C ARG C 54 8.56 -4.38 -14.66
N GLN C 55 9.78 -4.62 -14.18
CA GLN C 55 10.97 -3.92 -14.66
C GLN C 55 12.15 -4.87 -14.57
N PRO C 56 13.21 -4.63 -15.38
CA PRO C 56 14.39 -5.49 -15.32
C PRO C 56 14.98 -5.56 -13.90
N VAL C 57 15.46 -6.73 -13.53
CA VAL C 57 16.15 -6.88 -12.25
C VAL C 57 17.31 -5.88 -12.23
N ASP C 58 17.34 -5.02 -11.21
CA ASP C 58 18.44 -4.07 -11.01
C ASP C 58 19.33 -4.66 -9.93
N ALA C 59 20.40 -5.32 -10.35
CA ALA C 59 21.29 -6.06 -9.45
C ALA C 59 22.04 -5.15 -8.48
N VAL C 60 22.31 -3.92 -8.91
CA VAL C 60 23.00 -2.94 -8.06
C VAL C 60 22.07 -2.45 -6.95
N LYS C 61 20.90 -1.94 -7.33
CA LYS C 61 19.94 -1.38 -6.36
C LYS C 61 19.37 -2.44 -5.42
N LEU C 62 19.11 -3.64 -5.94
CA LEU C 62 18.61 -4.75 -5.13
C LEU C 62 19.70 -5.46 -4.32
N GLY C 63 20.96 -5.10 -4.56
CA GLY C 63 22.09 -5.71 -3.86
C GLY C 63 22.29 -7.17 -4.22
N LEU C 64 22.27 -7.46 -5.52
CA LEU C 64 22.43 -8.82 -6.04
C LEU C 64 23.64 -8.89 -6.99
N PRO C 65 24.87 -8.73 -6.45
CA PRO C 65 26.08 -8.67 -7.29
C PRO C 65 26.31 -9.88 -8.21
N ASP C 66 25.79 -11.05 -7.82
CA ASP C 66 26.00 -12.28 -8.60
C ASP C 66 24.88 -12.57 -9.63
N TYR C 67 23.87 -11.72 -9.68
CA TYR C 67 22.71 -11.99 -10.53
C TYR C 67 23.07 -12.22 -12.00
N HIS C 68 23.88 -11.33 -12.57
CA HIS C 68 24.25 -11.45 -13.98
C HIS C 68 25.41 -12.43 -14.25
N LYS C 69 26.05 -12.90 -13.18
CA LYS C 69 26.98 -14.02 -13.31
C LYS C 69 26.20 -15.33 -13.43
N ILE C 70 25.01 -15.38 -12.84
CA ILE C 70 24.17 -16.58 -12.81
C ILE C 70 23.17 -16.60 -13.96
N ILE C 71 22.48 -15.48 -14.18
CA ILE C 71 21.42 -15.38 -15.18
C ILE C 71 21.96 -14.77 -16.48
N LYS C 72 21.88 -15.53 -17.57
CA LYS C 72 22.50 -15.16 -18.84
C LYS C 72 21.64 -14.25 -19.70
N GLN C 73 20.32 -14.45 -19.67
CA GLN C 73 19.39 -13.66 -20.48
C GLN C 73 18.28 -13.07 -19.59
N PRO C 74 18.52 -11.88 -19.02
CA PRO C 74 17.48 -11.27 -18.20
C PRO C 74 16.21 -10.99 -19.01
N MET C 75 15.05 -11.05 -18.35
CA MET C 75 13.80 -10.70 -18.98
C MET C 75 12.79 -10.27 -17.92
N ASP C 76 11.87 -9.40 -18.34
CA ASP C 76 10.86 -8.87 -17.42
C ASP C 76 9.62 -8.47 -18.20
N MET C 77 8.52 -8.24 -17.49
CA MET C 77 7.23 -7.91 -18.13
C MET C 77 7.20 -6.53 -18.73
N GLY C 78 7.96 -5.59 -18.17
CA GLY C 78 8.04 -4.24 -18.72
C GLY C 78 8.61 -4.28 -20.13
N THR C 79 9.69 -5.05 -20.29
CA THR C 79 10.29 -5.29 -21.60
C THR C 79 9.32 -5.98 -22.55
N ILE C 80 8.68 -7.05 -22.09
CA ILE C 80 7.72 -7.78 -22.92
C ILE C 80 6.56 -6.88 -23.34
N LYS C 81 6.05 -6.11 -22.38
CA LYS C 81 4.95 -5.18 -22.63
C LYS C 81 5.35 -4.15 -23.70
N ARG C 82 6.52 -3.54 -23.52
CA ARG C 82 7.04 -2.58 -24.51
C ARG C 82 7.16 -3.24 -25.88
N ARG C 83 7.63 -4.49 -25.90
CA ARG C 83 7.80 -5.22 -27.15
C ARG C 83 6.45 -5.47 -27.83
N LEU C 84 5.43 -5.82 -27.06
CA LEU C 84 4.10 -6.02 -27.61
C LEU C 84 3.52 -4.72 -28.14
N GLU C 85 3.70 -3.64 -27.38
CA GLU C 85 3.20 -2.31 -27.77
C GLU C 85 3.83 -1.80 -29.07
N ASN C 86 5.10 -2.14 -29.27
CA ASN C 86 5.88 -1.65 -30.43
C ASN C 86 6.01 -2.67 -31.56
N ASN C 87 5.22 -3.74 -31.52
CA ASN C 87 5.18 -4.75 -32.58
C ASN C 87 6.50 -5.49 -32.80
N TYR C 88 7.29 -5.60 -31.73
CA TYR C 88 8.61 -6.22 -31.78
C TYR C 88 8.59 -7.69 -32.22
N TYR C 89 7.63 -8.46 -31.69
CA TYR C 89 7.61 -9.91 -31.92
C TYR C 89 7.11 -10.25 -33.32
N TRP C 90 7.73 -11.27 -33.91
CA TRP C 90 7.30 -11.82 -35.20
C TRP C 90 6.25 -12.91 -35.05
N ALA C 91 6.38 -13.70 -33.98
CA ALA C 91 5.45 -14.80 -33.73
C ALA C 91 5.11 -14.84 -32.24
N ALA C 92 3.97 -15.45 -31.93
CA ALA C 92 3.53 -15.64 -30.55
C ALA C 92 4.59 -16.39 -29.74
N SER C 93 5.22 -17.38 -30.36
CA SER C 93 6.22 -18.22 -29.68
C SER C 93 7.37 -17.41 -29.05
N GLU C 94 7.81 -16.35 -29.71
CA GLU C 94 8.88 -15.50 -29.19
C GLU C 94 8.49 -14.82 -27.88
N CYS C 95 7.27 -14.27 -27.87
CA CYS C 95 6.71 -13.62 -26.69
C CYS C 95 6.58 -14.64 -25.57
N MET C 96 6.05 -15.82 -25.90
CA MET C 96 5.92 -16.91 -24.95
C MET C 96 7.28 -17.32 -24.36
N GLN C 97 8.31 -17.39 -25.20
N GLN C 97 8.32 -17.39 -25.18
CA GLN C 97 9.66 -17.71 -24.76
CA GLN C 97 9.64 -17.72 -24.68
C GLN C 97 10.21 -16.67 -23.79
C GLN C 97 10.19 -16.65 -23.75
N ASP C 98 9.89 -15.39 -24.03
CA ASP C 98 10.33 -14.30 -23.15
C ASP C 98 9.66 -14.41 -21.76
N PHE C 99 8.35 -14.66 -21.74
CA PHE C 99 7.67 -14.94 -20.47
C PHE C 99 8.34 -16.10 -19.75
N ASN C 100 8.58 -17.18 -20.48
CA ASN C 100 9.23 -18.36 -19.91
C ASN C 100 10.61 -18.05 -19.33
N THR C 101 11.43 -17.31 -20.08
CA THR C 101 12.76 -16.94 -19.61
C THR C 101 12.68 -16.13 -18.31
N MET C 102 11.73 -15.20 -18.27
CA MET C 102 11.51 -14.38 -17.07
C MET C 102 11.27 -15.27 -15.87
N PHE C 103 10.31 -16.19 -15.98
CA PHE C 103 9.98 -17.08 -14.88
C PHE C 103 11.13 -18.02 -14.55
N THR C 104 11.74 -18.62 -15.58
CA THR C 104 12.85 -19.53 -15.37
C THR C 104 14.01 -18.85 -14.62
N ASN C 105 14.35 -17.64 -15.02
CA ASN C 105 15.40 -16.87 -14.32
C ASN C 105 15.12 -16.75 -12.82
N CYS C 106 13.87 -16.44 -12.49
CA CYS C 106 13.45 -16.31 -11.10
C CYS C 106 13.67 -17.62 -10.34
N TYR C 107 13.23 -18.73 -10.92
CA TYR C 107 13.38 -20.04 -10.28
C TYR C 107 14.83 -20.45 -10.10
N ILE C 108 15.64 -20.14 -11.10
CA ILE C 108 17.04 -20.53 -11.09
C ILE C 108 17.83 -19.70 -10.06
N TYR C 109 17.63 -18.39 -10.06
CA TYR C 109 18.43 -17.50 -9.20
C TYR C 109 18.06 -17.58 -7.71
N ASN C 110 16.77 -17.61 -7.41
CA ASN C 110 16.30 -17.45 -6.04
C ASN C 110 16.26 -18.76 -5.26
N LYS C 111 16.22 -18.64 -3.93
CA LYS C 111 16.10 -19.81 -3.07
C LYS C 111 14.70 -20.40 -3.19
N PRO C 112 14.57 -21.74 -3.12
CA PRO C 112 13.28 -22.40 -3.29
C PRO C 112 12.18 -21.88 -2.37
N THR C 113 12.57 -21.47 -1.16
CA THR C 113 11.65 -21.02 -0.13
C THR C 113 11.29 -19.54 -0.22
N ASP C 114 11.93 -18.80 -1.12
CA ASP C 114 11.65 -17.37 -1.30
C ASP C 114 10.22 -17.13 -1.80
N ASP C 115 9.59 -16.08 -1.27
CA ASP C 115 8.23 -15.70 -1.66
C ASP C 115 8.15 -15.40 -3.15
N ILE C 116 9.20 -14.81 -3.70
CA ILE C 116 9.24 -14.49 -5.13
C ILE C 116 9.01 -15.72 -6.02
N VAL C 117 9.53 -16.88 -5.59
CA VAL C 117 9.33 -18.13 -6.31
C VAL C 117 7.85 -18.52 -6.38
N LEU C 118 7.15 -18.44 -5.26
N LEU C 118 7.15 -18.45 -5.25
CA LEU C 118 5.71 -18.69 -5.23
CA LEU C 118 5.71 -18.67 -5.20
C LEU C 118 4.95 -17.69 -6.11
C LEU C 118 4.97 -17.69 -6.11
N MET C 119 5.37 -16.43 -6.07
CA MET C 119 4.78 -15.39 -6.93
C MET C 119 4.96 -15.72 -8.42
N ALA C 120 6.17 -16.11 -8.82
CA ALA C 120 6.45 -16.50 -10.19
C ALA C 120 5.56 -17.69 -10.58
N GLN C 121 5.51 -18.70 -9.71
CA GLN C 121 4.68 -19.89 -9.92
C GLN C 121 3.22 -19.55 -10.20
N THR C 122 2.65 -18.65 -9.39
CA THR C 122 1.27 -18.24 -9.57
C THR C 122 1.04 -17.53 -10.91
N LEU C 123 1.95 -16.62 -11.24
CA LEU C 123 1.84 -15.88 -12.50
C LEU C 123 2.02 -16.79 -13.70
N GLU C 124 2.96 -17.74 -13.60
CA GLU C 124 3.21 -18.63 -14.72
C GLU C 124 2.03 -19.56 -14.98
N LYS C 125 1.38 -20.04 -13.93
CA LYS C 125 0.18 -20.87 -14.10
C LYS C 125 -0.93 -20.11 -14.83
N ILE C 126 -1.08 -18.84 -14.50
CA ILE C 126 -2.04 -17.97 -15.19
C ILE C 126 -1.64 -17.78 -16.66
N PHE C 127 -0.38 -17.44 -16.88
CA PHE C 127 0.19 -17.34 -18.24
C PHE C 127 -0.14 -18.56 -19.09
N LEU C 128 0.11 -19.75 -18.57
CA LEU C 128 -0.11 -20.98 -19.34
C LEU C 128 -1.59 -21.26 -19.58
N GLN C 129 -2.41 -20.99 -18.58
CA GLN C 129 -3.86 -21.15 -18.69
C GLN C 129 -4.41 -20.28 -19.83
N LYS C 130 -3.97 -19.02 -19.86
CA LYS C 130 -4.41 -18.09 -20.90
C LYS C 130 -3.85 -18.47 -22.26
N VAL C 131 -2.62 -18.95 -22.29
CA VAL C 131 -2.00 -19.42 -23.53
C VAL C 131 -2.76 -20.62 -24.14
N ALA C 132 -3.35 -21.46 -23.29
CA ALA C 132 -4.15 -22.60 -23.75
C ALA C 132 -5.39 -22.18 -24.55
N SER C 133 -5.93 -20.99 -24.23
CA SER C 133 -7.10 -20.44 -24.93
C SER C 133 -6.71 -19.43 -26.03
N MET C 134 -5.43 -19.38 -26.38
CA MET C 134 -4.95 -18.49 -27.42
C MET C 134 -5.44 -18.96 -28.80
N PRO C 135 -5.72 -18.01 -29.72
CA PRO C 135 -6.07 -18.40 -31.10
C PRO C 135 -4.91 -19.03 -31.88
N GLN C 136 -5.22 -19.58 -33.05
N GLN C 136 -5.21 -19.54 -33.07
CA GLN C 136 -4.21 -20.23 -33.89
CA GLN C 136 -4.18 -20.08 -33.96
C GLN C 136 -3.38 -19.20 -34.64
C GLN C 136 -4.47 -19.68 -35.40
#